data_8D1R
#
_entry.id   8D1R
#
_cell.length_a   175.102
_cell.length_b   175.102
_cell.length_c   124.520
_cell.angle_alpha   90.000
_cell.angle_beta   90.000
_cell.angle_gamma   120.000
#
_symmetry.space_group_name_H-M   'H 3 2'
#
loop_
_entity.id
_entity.type
_entity.pdbx_description
1 polymer 'N-acetyltransferase Eis'
2 non-polymer 1-{3-[(4-chlorophenyl)methoxy]phenyl}methanamine
3 non-polymer GLYCEROL
4 water water
#
_entity_poly.entity_id   1
_entity_poly.type   'polypeptide(L)'
_entity_poly.pdbx_seq_one_letter_code
;MGSSHHHHHHSSGLVPRGSHMTVTLCSPTEDDWPGMFLLAAASFTDFIGPESATAWRTLVPTDGAVVVRDGAGPGSEVVG
MALYMDLRLTVPGEVVLPTAGLSFVAVAPTHRRRGLLRAMCAELHRRIADSGYPVAALHASEGGIYGRFGYGPATTLHEL
TVDRRFARFHADAPGGGLGGSSVRLVRPTEHRGEFEAIYERWRQQVPGGLLRPQVLWDELLAEAKAAPGGDRESFALLHP
DGYALYRVDRTDLKLARVSELRAVTADAHCALWRALIGLDSMERISIITHPQDPLPHLLTDTRLARTTWRQDGLWLRIMN
VPAALEARGYAHEVGEFSTVLEVSDGGRFALKIGDGRARCTPTDAAAEIEMDRDVLGSLYLGAHRASTLAAANRLRTKDS
QLLRRLDAAFASDVPVQTAFEF
;
_entity_poly.pdbx_strand_id   A
#
loop_
_chem_comp.id
_chem_comp.type
_chem_comp.name
_chem_comp.formula
GOL non-polymer GLYCEROL 'C3 H8 O3'
PVF non-polymer 1-{3-[(4-chlorophenyl)methoxy]phenyl}methanamine 'C14 H14 Cl N O'
#
# COMPACT_ATOMS: atom_id res chain seq x y z
N VAL A 23 -33.17 -4.84 -9.07
CA VAL A 23 -31.84 -4.44 -8.52
C VAL A 23 -31.69 -2.92 -8.64
N THR A 24 -31.58 -2.23 -7.50
CA THR A 24 -31.43 -0.75 -7.49
C THR A 24 -30.15 -0.38 -6.73
N LEU A 25 -29.34 0.53 -7.30
CA LEU A 25 -28.08 0.97 -6.63
C LEU A 25 -28.34 2.33 -5.98
N CYS A 26 -28.22 2.40 -4.64
CA CYS A 26 -28.47 3.65 -3.89
C CYS A 26 -27.49 3.78 -2.72
N SER A 27 -27.32 5.00 -2.20
CA SER A 27 -26.44 5.21 -1.02
C SER A 27 -27.09 4.48 0.16
N PRO A 28 -26.33 3.75 1.02
CA PRO A 28 -26.93 3.01 2.13
C PRO A 28 -27.47 3.87 3.27
N THR A 29 -28.65 3.50 3.79
CA THR A 29 -29.27 4.16 4.97
C THR A 29 -28.73 3.49 6.24
N GLU A 30 -29.08 4.03 7.41
CA GLU A 30 -28.62 3.48 8.71
C GLU A 30 -29.14 2.04 8.88
N ASP A 31 -30.38 1.78 8.44
CA ASP A 31 -31.06 0.45 8.53
C ASP A 31 -30.31 -0.64 7.75
N ASP A 32 -29.62 -0.27 6.67
CA ASP A 32 -28.85 -1.22 5.81
C ASP A 32 -27.57 -1.75 6.45
N TRP A 33 -27.02 -1.05 7.44
CA TRP A 33 -25.69 -1.47 7.97
C TRP A 33 -25.71 -2.89 8.55
N PRO A 34 -26.76 -3.34 9.26
CA PRO A 34 -26.82 -4.72 9.75
C PRO A 34 -26.77 -5.70 8.56
N GLY A 35 -27.49 -5.38 7.47
CA GLY A 35 -27.48 -6.22 6.26
C GLY A 35 -26.10 -6.21 5.60
N MET A 36 -25.45 -5.05 5.63
CA MET A 36 -24.08 -4.86 5.04
C MET A 36 -23.08 -5.66 5.88
N PHE A 37 -23.20 -5.63 7.21
CA PHE A 37 -22.40 -6.43 8.16
C PHE A 37 -22.63 -7.94 7.98
N LEU A 38 -23.84 -8.36 7.65
CA LEU A 38 -24.13 -9.77 7.34
C LEU A 38 -23.40 -10.15 6.04
N LEU A 39 -23.56 -9.39 4.96
CA LEU A 39 -22.81 -9.68 3.69
C LEU A 39 -21.29 -9.71 3.94
N ALA A 40 -20.78 -8.79 4.76
CA ALA A 40 -19.35 -8.65 5.13
C ALA A 40 -18.89 -9.95 5.82
N ALA A 41 -19.63 -10.34 6.86
CA ALA A 41 -19.31 -11.54 7.65
C ALA A 41 -19.24 -12.75 6.70
N ALA A 42 -20.12 -12.83 5.70
CA ALA A 42 -20.18 -14.01 4.81
C ALA A 42 -19.14 -13.90 3.70
N SER A 43 -18.56 -12.72 3.48
CA SER A 43 -17.70 -12.48 2.28
C SER A 43 -16.22 -12.49 2.68
N PHE A 44 -15.93 -12.03 3.90
CA PHE A 44 -14.54 -11.75 4.36
C PHE A 44 -14.25 -12.63 5.59
N THR A 45 -13.42 -13.66 5.42
CA THR A 45 -13.07 -14.61 6.52
C THR A 45 -12.27 -13.82 7.57
N ASP A 46 -11.54 -12.79 7.12
CA ASP A 46 -10.77 -11.83 7.98
C ASP A 46 -11.67 -10.68 8.43
N PHE A 47 -13.02 -10.82 8.38
CA PHE A 47 -13.97 -9.73 8.72
C PHE A 47 -13.63 -9.26 10.13
N ILE A 48 -13.37 -7.96 10.26
CA ILE A 48 -12.81 -7.30 11.47
C ILE A 48 -13.88 -7.22 12.60
N GLY A 49 -15.17 -7.44 12.28
CA GLY A 49 -16.30 -7.46 13.24
C GLY A 49 -17.05 -6.12 13.27
N PRO A 50 -18.34 -6.07 13.70
CA PRO A 50 -19.16 -4.85 13.63
C PRO A 50 -18.60 -3.64 14.40
N GLU A 51 -17.91 -3.90 15.51
CA GLU A 51 -17.31 -2.85 16.38
C GLU A 51 -16.16 -2.15 15.60
N SER A 52 -15.22 -2.95 15.08
CA SER A 52 -14.09 -2.46 14.26
C SER A 52 -14.60 -1.78 12.97
N ALA A 53 -15.57 -2.41 12.29
CA ALA A 53 -16.23 -1.88 11.07
C ALA A 53 -16.74 -0.46 11.36
N THR A 54 -17.38 -0.28 12.51
CA THR A 54 -17.96 1.04 12.95
C THR A 54 -16.82 2.04 13.14
N ALA A 55 -15.65 1.61 13.56
CA ALA A 55 -14.53 2.57 13.72
C ALA A 55 -13.97 3.00 12.34
N TRP A 56 -13.72 2.07 11.41
CA TRP A 56 -13.17 2.41 10.06
C TRP A 56 -14.17 3.30 9.30
N ARG A 57 -15.42 3.02 9.55
CA ARG A 57 -16.54 3.76 8.95
C ARG A 57 -16.49 5.26 9.25
N THR A 58 -15.89 5.73 10.35
CA THR A 58 -15.63 7.19 10.57
C THR A 58 -14.75 7.77 9.44
N LEU A 59 -14.06 6.96 8.59
CA LEU A 59 -13.19 7.44 7.45
C LEU A 59 -13.98 7.49 6.16
N VAL A 60 -15.21 6.98 6.16
CA VAL A 60 -16.08 7.00 4.95
C VAL A 60 -16.83 8.33 4.90
N PRO A 61 -16.70 9.14 3.83
CA PRO A 61 -17.49 10.36 3.77
C PRO A 61 -18.96 10.08 3.43
N THR A 62 -19.81 11.02 3.81
CA THR A 62 -21.20 11.16 3.30
C THR A 62 -21.19 10.82 1.80
N ASP A 63 -22.04 9.93 1.35
CA ASP A 63 -22.04 9.59 -0.11
C ASP A 63 -20.79 8.79 -0.53
N GLY A 64 -19.95 8.30 0.39
CA GLY A 64 -18.83 7.40 0.08
C GLY A 64 -19.19 5.92 -0.10
N ALA A 65 -20.44 5.52 0.12
CA ALA A 65 -20.89 4.11 0.07
C ALA A 65 -22.06 3.95 -0.90
N VAL A 66 -22.09 2.82 -1.61
CA VAL A 66 -23.25 2.31 -2.38
C VAL A 66 -23.61 0.88 -1.91
N VAL A 67 -24.89 0.52 -2.06
CA VAL A 67 -25.46 -0.83 -1.82
C VAL A 67 -26.36 -1.14 -2.99
N VAL A 68 -26.50 -2.42 -3.27
CA VAL A 68 -27.51 -2.93 -4.24
C VAL A 68 -28.53 -3.72 -3.41
N ARG A 69 -29.83 -3.43 -3.59
CA ARG A 69 -30.90 -4.17 -2.87
C ARG A 69 -31.62 -5.06 -3.89
N ASP A 70 -31.91 -6.31 -3.51
CA ASP A 70 -32.62 -7.26 -4.42
C ASP A 70 -34.02 -6.73 -4.75
N GLY A 71 -34.67 -6.07 -3.79
CA GLY A 71 -36.02 -5.52 -4.00
C GLY A 71 -35.98 -4.14 -4.64
N SER A 76 -36.36 -5.00 1.55
CA SER A 76 -35.61 -6.06 0.81
C SER A 76 -34.13 -6.01 1.19
N GLU A 77 -33.33 -6.98 0.74
CA GLU A 77 -31.96 -7.24 1.32
C GLU A 77 -30.79 -6.81 0.41
N VAL A 78 -29.64 -6.66 1.06
CA VAL A 78 -28.36 -6.17 0.49
C VAL A 78 -27.66 -7.34 -0.18
N VAL A 79 -27.47 -7.25 -1.50
CA VAL A 79 -26.82 -8.28 -2.34
C VAL A 79 -25.48 -7.76 -2.88
N GLY A 80 -25.19 -6.49 -2.65
CA GLY A 80 -23.95 -5.85 -3.13
C GLY A 80 -23.62 -4.62 -2.30
N MET A 81 -22.34 -4.40 -2.06
CA MET A 81 -21.89 -3.13 -1.42
C MET A 81 -20.46 -2.80 -1.83
N ALA A 82 -20.11 -1.52 -1.66
CA ALA A 82 -18.79 -0.92 -1.98
C ALA A 82 -18.73 0.47 -1.38
N LEU A 83 -17.55 0.88 -0.94
CA LEU A 83 -17.37 2.21 -0.40
C LEU A 83 -15.93 2.64 -0.58
N TYR A 84 -15.68 3.94 -0.35
CA TYR A 84 -14.31 4.50 -0.31
C TYR A 84 -14.16 5.31 0.97
N MET A 85 -12.92 5.36 1.41
CA MET A 85 -12.49 6.13 2.60
C MET A 85 -11.63 7.30 2.12
N ASP A 86 -11.63 8.37 2.92
CA ASP A 86 -10.73 9.53 2.67
C ASP A 86 -9.33 9.24 3.23
N LEU A 87 -8.35 9.03 2.36
CA LEU A 87 -6.95 8.72 2.77
C LEU A 87 -6.01 9.81 2.23
N ARG A 88 -4.80 9.83 2.74
CA ARG A 88 -3.70 10.68 2.24
C ARG A 88 -2.51 9.78 1.92
N LEU A 89 -2.10 9.80 0.66
CA LEU A 89 -1.09 8.89 0.08
C LEU A 89 0.13 9.71 -0.33
N THR A 90 1.29 9.29 0.11
CA THR A 90 2.56 9.97 -0.20
C THR A 90 3.02 9.38 -1.52
N VAL A 91 3.43 10.24 -2.45
CA VAL A 91 3.94 9.84 -3.78
C VAL A 91 5.35 10.41 -3.91
N PRO A 92 6.15 9.94 -4.89
CA PRO A 92 7.55 10.37 -5.04
C PRO A 92 7.65 11.92 -5.04
N GLY A 93 8.65 12.46 -4.35
CA GLY A 93 8.84 13.90 -4.11
C GLY A 93 8.25 14.33 -2.78
N GLU A 94 7.82 13.38 -1.95
CA GLU A 94 7.21 13.66 -0.62
C GLU A 94 5.92 14.48 -0.77
N VAL A 95 5.21 14.31 -1.88
CA VAL A 95 3.90 14.97 -2.15
C VAL A 95 2.80 14.07 -1.60
N VAL A 96 1.83 14.64 -0.89
CA VAL A 96 0.68 13.93 -0.28
C VAL A 96 -0.57 14.21 -1.12
N LEU A 97 -1.18 13.18 -1.71
CA LEU A 97 -2.45 13.33 -2.48
C LEU A 97 -3.63 12.86 -1.66
N PRO A 98 -4.76 13.60 -1.74
CA PRO A 98 -6.04 13.05 -1.33
C PRO A 98 -6.28 11.81 -2.20
N THR A 99 -6.66 10.71 -1.54
CA THR A 99 -6.83 9.39 -2.17
C THR A 99 -8.14 8.80 -1.66
N ALA A 100 -8.96 8.34 -2.59
CA ALA A 100 -10.15 7.51 -2.32
C ALA A 100 -9.75 6.04 -2.20
N GLY A 101 -9.82 5.49 -0.98
CA GLY A 101 -9.46 4.08 -0.68
C GLY A 101 -10.67 3.18 -0.75
N LEU A 102 -10.89 2.48 -1.86
CA LEU A 102 -12.01 1.50 -1.95
C LEU A 102 -11.78 0.36 -0.97
N SER A 103 -12.87 -0.16 -0.43
CA SER A 103 -12.89 -1.15 0.66
C SER A 103 -14.32 -1.68 0.83
N PHE A 104 -14.44 -2.77 1.57
CA PHE A 104 -15.73 -3.39 1.95
C PHE A 104 -16.52 -3.69 0.68
N VAL A 105 -15.85 -4.16 -0.36
CA VAL A 105 -16.48 -4.49 -1.66
C VAL A 105 -16.90 -5.97 -1.63
N ALA A 106 -18.18 -6.25 -1.84
CA ALA A 106 -18.75 -7.62 -1.78
C ALA A 106 -19.99 -7.71 -2.66
N VAL A 107 -20.08 -8.80 -3.40
CA VAL A 107 -21.32 -9.25 -4.09
C VAL A 107 -21.76 -10.56 -3.43
N ALA A 108 -23.06 -10.68 -3.10
CA ALA A 108 -23.65 -11.90 -2.52
C ALA A 108 -23.41 -13.09 -3.44
N PRO A 109 -23.17 -14.29 -2.86
CA PRO A 109 -22.88 -15.49 -3.63
C PRO A 109 -24.10 -15.89 -4.46
N THR A 110 -25.28 -15.37 -4.09
CA THR A 110 -26.58 -15.54 -4.79
C THR A 110 -26.68 -14.69 -6.05
N HIS A 111 -25.77 -13.73 -6.30
CA HIS A 111 -25.97 -12.67 -7.30
C HIS A 111 -24.70 -12.47 -8.15
N ARG A 112 -23.88 -13.50 -8.29
CA ARG A 112 -22.70 -13.47 -9.20
C ARG A 112 -23.17 -13.26 -10.65
N ARG A 113 -22.25 -12.78 -11.51
CA ARG A 113 -22.41 -12.78 -13.00
C ARG A 113 -23.64 -11.94 -13.39
N ARG A 114 -23.96 -10.91 -12.62
CA ARG A 114 -25.10 -10.01 -12.90
C ARG A 114 -24.58 -8.58 -13.08
N GLY A 115 -23.27 -8.36 -13.17
CA GLY A 115 -22.70 -7.01 -13.43
C GLY A 115 -22.76 -6.09 -12.22
N LEU A 116 -22.90 -6.61 -11.00
CA LEU A 116 -23.09 -5.76 -9.77
C LEU A 116 -21.79 -5.03 -9.42
N LEU A 117 -20.66 -5.70 -9.45
CA LEU A 117 -19.34 -5.07 -9.16
C LEU A 117 -19.06 -3.95 -10.20
N ARG A 118 -19.30 -4.21 -11.49
CA ARG A 118 -19.08 -3.21 -12.55
C ARG A 118 -19.95 -1.97 -12.27
N ALA A 119 -21.23 -2.16 -11.98
CA ALA A 119 -22.17 -1.04 -11.70
C ALA A 119 -21.73 -0.28 -10.44
N MET A 120 -21.39 -0.98 -9.35
CA MET A 120 -20.96 -0.31 -8.08
C MET A 120 -19.67 0.49 -8.31
N CYS A 121 -18.69 -0.05 -9.04
CA CYS A 121 -17.39 0.63 -9.32
C CYS A 121 -17.63 1.86 -10.22
N ALA A 122 -18.51 1.79 -11.22
CA ALA A 122 -18.80 2.94 -12.11
C ALA A 122 -19.42 4.08 -11.28
N GLU A 123 -20.32 3.76 -10.36
CA GLU A 123 -20.99 4.80 -9.56
C GLU A 123 -19.97 5.42 -8.61
N LEU A 124 -19.15 4.61 -7.95
CA LEU A 124 -18.19 5.21 -6.97
C LEU A 124 -17.16 6.04 -7.72
N HIS A 125 -16.68 5.56 -8.87
CA HIS A 125 -15.66 6.26 -9.69
C HIS A 125 -16.21 7.64 -10.11
N ARG A 126 -17.50 7.71 -10.46
CA ARG A 126 -18.17 8.97 -10.85
C ARG A 126 -18.12 9.92 -9.65
N ARG A 127 -18.52 9.45 -8.47
CA ARG A 127 -18.54 10.27 -7.23
C ARG A 127 -17.12 10.66 -6.84
N ILE A 128 -16.16 9.75 -7.00
CA ILE A 128 -14.75 10.03 -6.63
C ILE A 128 -14.19 11.12 -7.55
N ALA A 129 -14.44 11.03 -8.87
CA ALA A 129 -13.95 12.01 -9.87
C ALA A 129 -14.65 13.37 -9.65
N ASP A 130 -15.98 13.39 -9.45
CA ASP A 130 -16.75 14.65 -9.18
C ASP A 130 -16.27 15.29 -7.89
N SER A 131 -15.86 14.52 -6.90
CA SER A 131 -15.45 15.07 -5.59
C SER A 131 -14.06 15.70 -5.68
N GLY A 132 -13.29 15.48 -6.77
CA GLY A 132 -11.94 16.08 -6.92
C GLY A 132 -10.79 15.17 -6.53
N TYR A 133 -10.96 13.86 -6.31
CA TYR A 133 -9.78 13.00 -5.96
C TYR A 133 -8.95 12.82 -7.21
N PRO A 134 -7.62 13.04 -7.20
CA PRO A 134 -6.81 12.67 -8.36
C PRO A 134 -6.51 11.17 -8.53
N VAL A 135 -6.55 10.40 -7.44
CA VAL A 135 -6.25 8.93 -7.46
C VAL A 135 -7.23 8.18 -6.56
N ALA A 136 -7.56 6.95 -6.95
CA ALA A 136 -8.21 5.95 -6.08
C ALA A 136 -7.22 4.81 -5.84
N ALA A 137 -7.45 4.07 -4.76
CA ALA A 137 -6.57 2.95 -4.37
C ALA A 137 -7.35 1.83 -3.67
N LEU A 138 -6.81 0.61 -3.80
CA LEU A 138 -7.32 -0.57 -3.07
C LEU A 138 -6.24 -1.65 -2.89
N HIS A 139 -6.56 -2.60 -2.02
CA HIS A 139 -5.94 -3.94 -1.87
C HIS A 139 -6.86 -4.99 -2.49
N ALA A 140 -6.34 -5.83 -3.38
CA ALA A 140 -7.10 -6.75 -4.21
C ALA A 140 -7.19 -8.10 -3.53
N SER A 141 -8.39 -8.64 -3.35
CA SER A 141 -8.62 -10.04 -2.89
C SER A 141 -8.07 -11.02 -3.95
N GLU A 142 -8.19 -10.72 -5.24
CA GLU A 142 -7.62 -11.56 -6.33
C GLU A 142 -6.94 -10.65 -7.34
N GLY A 143 -5.98 -11.18 -8.12
CA GLY A 143 -5.18 -10.38 -9.08
C GLY A 143 -5.86 -10.14 -10.41
N GLY A 144 -6.99 -10.79 -10.70
CA GLY A 144 -7.61 -10.74 -12.05
C GLY A 144 -8.84 -9.84 -12.15
N ILE A 145 -9.23 -9.16 -11.09
CA ILE A 145 -10.54 -8.45 -11.06
C ILE A 145 -10.35 -6.96 -11.44
N TYR A 146 -9.42 -6.22 -10.83
CA TYR A 146 -9.44 -4.74 -10.82
C TYR A 146 -8.72 -4.13 -12.04
N GLY A 147 -7.92 -4.87 -12.78
CA GLY A 147 -7.28 -4.37 -14.01
C GLY A 147 -8.27 -3.71 -14.95
N ARG A 148 -9.43 -4.33 -15.13
CA ARG A 148 -10.39 -3.89 -16.19
C ARG A 148 -11.11 -2.59 -15.76
N PHE A 149 -11.05 -2.19 -14.48
CA PHE A 149 -11.65 -0.94 -13.96
C PHE A 149 -10.60 0.16 -13.84
N GLY A 150 -9.38 -0.09 -14.34
CA GLY A 150 -8.27 0.88 -14.43
C GLY A 150 -7.29 0.86 -13.25
N TYR A 151 -7.35 -0.11 -12.33
CA TYR A 151 -6.38 -0.24 -11.20
C TYR A 151 -5.17 -1.10 -11.63
N GLY A 152 -3.97 -0.55 -11.43
CA GLY A 152 -2.69 -1.24 -11.68
C GLY A 152 -1.99 -1.50 -10.35
N PRO A 153 -1.41 -2.69 -10.16
CA PRO A 153 -0.62 -2.92 -8.95
C PRO A 153 0.55 -1.94 -8.85
N ALA A 154 0.73 -1.23 -7.74
CA ALA A 154 1.63 -0.07 -7.67
C ALA A 154 2.71 -0.23 -6.58
N THR A 155 2.56 -1.19 -5.64
CA THR A 155 3.59 -1.60 -4.63
C THR A 155 3.71 -3.11 -4.64
N THR A 156 4.84 -3.61 -4.16
CA THR A 156 5.15 -5.05 -4.09
C THR A 156 5.44 -5.47 -2.64
N LEU A 157 4.64 -6.39 -2.11
CA LEU A 157 4.89 -7.08 -0.82
C LEU A 157 5.93 -8.16 -1.06
N HIS A 158 6.96 -8.17 -0.24
CA HIS A 158 8.09 -9.10 -0.27
C HIS A 158 8.25 -9.63 1.15
N GLU A 159 7.93 -10.90 1.36
CA GLU A 159 8.19 -11.56 2.65
C GLU A 159 9.63 -12.08 2.64
N LEU A 160 10.36 -11.63 3.67
CA LEU A 160 11.68 -12.18 4.08
C LEU A 160 11.49 -13.01 5.35
N THR A 161 12.02 -14.23 5.31
CA THR A 161 12.21 -15.11 6.47
C THR A 161 13.70 -15.29 6.72
N VAL A 162 14.16 -14.89 7.90
CA VAL A 162 15.57 -15.03 8.35
C VAL A 162 15.70 -16.23 9.28
N ASP A 163 16.57 -17.20 8.98
CA ASP A 163 16.97 -18.24 9.97
C ASP A 163 17.96 -17.58 10.91
N ARG A 164 17.45 -16.98 11.99
CA ARG A 164 18.27 -16.13 12.88
C ARG A 164 19.33 -16.92 13.62
N ARG A 165 19.28 -18.26 13.64
CA ARG A 165 20.35 -19.07 14.31
C ARG A 165 21.69 -18.94 13.58
N PHE A 166 21.70 -18.63 12.29
CA PHE A 166 22.96 -18.48 11.52
C PHE A 166 23.31 -17.02 11.33
N ALA A 167 22.39 -16.10 11.61
CA ALA A 167 22.54 -14.68 11.20
C ALA A 167 23.65 -14.04 12.02
N ARG A 168 24.65 -13.48 11.33
CA ARG A 168 25.75 -12.65 11.90
C ARG A 168 25.78 -11.34 11.12
N PHE A 169 25.92 -10.23 11.81
CA PHE A 169 26.01 -8.91 11.17
C PHE A 169 27.40 -8.69 10.53
N HIS A 170 27.41 -8.15 9.32
CA HIS A 170 28.62 -7.69 8.61
C HIS A 170 29.36 -6.66 9.48
N ALA A 171 30.69 -6.71 9.44
CA ALA A 171 31.63 -5.73 10.03
C ALA A 171 31.17 -4.32 9.71
N ASP A 172 30.68 -4.06 8.48
CA ASP A 172 30.27 -2.69 8.06
C ASP A 172 28.93 -2.29 8.71
N ALA A 173 28.14 -3.22 9.24
CA ALA A 173 26.74 -2.87 9.65
C ALA A 173 26.79 -1.83 10.76
N PRO A 174 25.96 -0.76 10.75
CA PRO A 174 25.91 0.19 11.86
C PRO A 174 25.57 -0.44 13.24
N GLY A 175 25.99 0.25 14.31
CA GLY A 175 25.63 -0.06 15.72
C GLY A 175 26.23 -1.37 16.22
N GLY A 176 27.46 -1.70 15.79
CA GLY A 176 28.21 -2.90 16.21
C GLY A 176 29.07 -2.64 17.43
N GLY A 177 29.15 -1.36 17.87
CA GLY A 177 29.93 -0.89 19.03
C GLY A 177 29.39 -1.44 20.35
N LEU A 178 30.24 -1.47 21.39
CA LEU A 178 29.89 -1.87 22.78
C LEU A 178 29.15 -0.71 23.45
N GLY A 179 28.56 -0.94 24.61
CA GLY A 179 27.79 0.08 25.35
C GLY A 179 26.29 -0.09 25.12
N GLY A 180 25.46 0.59 25.94
CA GLY A 180 23.99 0.41 26.00
C GLY A 180 23.36 0.29 24.60
N SER A 181 22.37 -0.59 24.44
CA SER A 181 21.51 -0.59 23.23
C SER A 181 20.63 0.66 23.28
N SER A 182 20.39 1.25 22.12
CA SER A 182 19.44 2.37 21.90
C SER A 182 18.00 1.82 21.76
N VAL A 183 17.81 0.49 21.77
CA VAL A 183 16.49 -0.16 21.53
C VAL A 183 15.95 -0.69 22.86
N ARG A 184 14.66 -0.53 23.07
CA ARG A 184 13.99 -1.03 24.29
C ARG A 184 12.85 -1.98 23.89
N LEU A 185 12.68 -3.05 24.65
CA LEU A 185 11.53 -3.95 24.55
C LEU A 185 10.40 -3.37 25.40
N VAL A 186 9.24 -3.08 24.80
CA VAL A 186 8.15 -2.40 25.54
C VAL A 186 6.82 -3.03 25.16
N ARG A 187 5.82 -2.71 26.00
CA ARG A 187 4.39 -3.01 25.76
C ARG A 187 3.86 -1.93 24.84
N PRO A 188 3.31 -2.32 23.67
CA PRO A 188 2.83 -1.34 22.70
C PRO A 188 1.87 -0.28 23.28
N THR A 189 0.95 -0.68 24.16
CA THR A 189 -0.15 0.23 24.61
C THR A 189 0.42 1.34 25.48
N GLU A 190 1.62 1.18 26.05
CA GLU A 190 2.20 2.16 27.00
C GLU A 190 3.07 3.19 26.28
N HIS A 191 3.24 3.10 24.95
CA HIS A 191 4.11 4.05 24.19
C HIS A 191 3.40 4.51 22.90
N ARG A 192 2.08 4.68 22.93
CA ARG A 192 1.24 5.06 21.77
C ARG A 192 1.81 6.33 21.13
N GLY A 193 2.03 7.36 21.95
CA GLY A 193 2.54 8.66 21.47
C GLY A 193 3.80 8.49 20.63
N GLU A 194 4.75 7.67 21.08
CA GLU A 194 6.06 7.54 20.42
C GLU A 194 5.84 6.85 19.07
N PHE A 195 4.98 5.82 19.01
CA PHE A 195 4.71 5.05 17.77
C PHE A 195 4.07 6.00 16.75
N GLU A 196 3.08 6.76 17.20
CA GLU A 196 2.32 7.75 16.36
C GLU A 196 3.30 8.74 15.72
N ALA A 197 4.21 9.32 16.50
CA ALA A 197 5.16 10.34 15.99
C ALA A 197 6.15 9.69 15.02
N ILE A 198 6.64 8.49 15.33
CA ILE A 198 7.64 7.83 14.43
C ILE A 198 6.93 7.50 13.09
N TYR A 199 5.70 6.99 13.16
CA TYR A 199 4.94 6.60 11.93
C TYR A 199 4.63 7.84 11.10
N GLU A 200 4.24 8.94 11.75
CA GLU A 200 3.92 10.21 11.04
C GLU A 200 5.15 10.66 10.23
N ARG A 201 6.33 10.59 10.84
CA ARG A 201 7.60 10.96 10.16
C ARG A 201 7.85 9.98 9.01
N TRP A 202 7.59 8.68 9.24
CA TRP A 202 7.85 7.64 8.20
C TRP A 202 6.96 7.88 6.97
N ARG A 203 5.66 8.12 7.18
CA ARG A 203 4.64 8.07 6.08
C ARG A 203 4.79 9.30 5.16
N GLN A 204 5.24 10.40 5.73
CA GLN A 204 5.52 11.64 4.96
C GLN A 204 6.79 11.52 4.14
N GLN A 205 7.73 10.64 4.48
CA GLN A 205 8.97 10.58 3.69
C GLN A 205 8.98 9.41 2.72
N VAL A 206 8.04 8.48 2.77
CA VAL A 206 8.14 7.26 1.91
C VAL A 206 6.97 7.20 0.91
N PRO A 207 7.21 7.07 -0.41
CA PRO A 207 6.13 6.79 -1.34
C PRO A 207 5.39 5.50 -0.94
N GLY A 208 4.05 5.57 -0.92
CA GLY A 208 3.17 4.49 -0.46
C GLY A 208 2.70 4.76 0.95
N GLY A 209 3.33 5.69 1.66
CA GLY A 209 2.90 6.04 3.03
C GLY A 209 1.44 6.51 3.06
N LEU A 210 0.72 6.10 4.11
CA LEU A 210 -0.68 6.51 4.31
C LEU A 210 -0.80 7.18 5.68
N LEU A 211 -1.49 8.31 5.77
CA LEU A 211 -1.69 8.97 7.08
C LEU A 211 -2.54 8.00 7.92
N ARG A 212 -2.12 7.70 9.16
CA ARG A 212 -2.91 6.77 10.00
C ARG A 212 -3.71 7.58 11.03
N PRO A 213 -5.05 7.67 10.92
CA PRO A 213 -5.87 8.42 11.86
C PRO A 213 -5.96 7.76 13.24
N GLN A 214 -6.38 8.54 14.24
CA GLN A 214 -6.50 8.06 15.65
C GLN A 214 -7.30 6.77 15.74
N VAL A 215 -8.44 6.66 15.04
CA VAL A 215 -9.27 5.43 15.17
C VAL A 215 -8.47 4.22 14.69
N LEU A 216 -7.54 4.37 13.74
CA LEU A 216 -6.76 3.18 13.25
C LEU A 216 -5.63 2.85 14.24
N TRP A 217 -5.06 3.84 14.93
CA TRP A 217 -4.22 3.59 16.12
C TRP A 217 -5.03 2.88 17.23
N ASP A 218 -6.27 3.29 17.51
CA ASP A 218 -7.13 2.57 18.51
C ASP A 218 -7.24 1.10 18.06
N GLU A 219 -7.49 0.87 16.77
CA GLU A 219 -7.68 -0.52 16.29
C GLU A 219 -6.36 -1.27 16.37
N LEU A 220 -5.25 -0.66 15.97
CA LEU A 220 -3.95 -1.37 15.93
C LEU A 220 -3.59 -1.80 17.37
N LEU A 221 -3.72 -0.93 18.37
CA LEU A 221 -3.29 -1.24 19.76
C LEU A 221 -4.21 -2.29 20.40
N ALA A 222 -5.48 -2.32 20.01
CA ALA A 222 -6.44 -3.34 20.48
C ALA A 222 -6.05 -4.74 19.92
N GLU A 223 -5.55 -4.84 18.69
CA GLU A 223 -5.14 -6.14 18.09
C GLU A 223 -3.83 -6.67 18.69
N ALA A 224 -3.15 -5.91 19.55
CA ALA A 224 -1.81 -6.24 20.12
C ALA A 224 -1.94 -7.05 21.40
N LYS A 225 -3.13 -7.04 22.00
CA LYS A 225 -3.49 -7.95 23.13
C LYS A 225 -3.67 -9.38 22.58
N ALA A 226 -3.26 -10.35 23.40
CA ALA A 226 -3.56 -11.78 23.21
C ALA A 226 -5.08 -11.99 23.15
N ALA A 227 -5.53 -12.95 22.35
CA ALA A 227 -6.95 -13.39 22.25
C ALA A 227 -7.05 -14.86 22.62
N PRO A 228 -8.02 -15.26 23.49
CA PRO A 228 -8.16 -16.68 23.87
C PRO A 228 -8.42 -17.54 22.61
N GLY A 229 -7.55 -18.52 22.35
CA GLY A 229 -7.59 -19.37 21.14
C GLY A 229 -7.27 -18.60 19.86
N GLY A 230 -6.55 -17.48 19.97
CA GLY A 230 -6.26 -16.58 18.84
C GLY A 230 -4.80 -16.16 18.84
N ASP A 231 -4.52 -14.91 18.47
CA ASP A 231 -3.14 -14.40 18.35
C ASP A 231 -2.53 -14.32 19.77
N ARG A 232 -1.21 -14.53 19.86
N ARG A 232 -1.21 -14.53 19.86
CA ARG A 232 -0.45 -14.32 21.11
CA ARG A 232 -0.45 -14.30 21.10
C ARG A 232 -0.23 -12.81 21.28
C ARG A 232 -0.27 -12.80 21.29
N GLU A 233 0.28 -12.42 22.43
CA GLU A 233 0.56 -11.01 22.77
C GLU A 233 1.61 -10.44 21.79
N SER A 234 1.45 -9.18 21.40
CA SER A 234 2.45 -8.40 20.61
C SER A 234 3.38 -7.66 21.55
N PHE A 235 4.66 -7.63 21.21
CA PHE A 235 5.66 -6.77 21.89
C PHE A 235 6.14 -5.72 20.89
N ALA A 236 6.83 -4.71 21.39
CA ALA A 236 7.48 -3.71 20.55
C ALA A 236 8.93 -3.61 20.89
N LEU A 237 9.73 -3.33 19.87
CA LEU A 237 11.10 -2.82 19.97
C LEU A 237 11.06 -1.37 19.53
N LEU A 238 11.52 -0.48 20.43
CA LEU A 238 11.42 0.99 20.32
C LEU A 238 12.82 1.62 20.34
N HIS A 239 13.07 2.42 19.32
CA HIS A 239 14.26 3.27 19.07
C HIS A 239 13.76 4.70 18.93
N PRO A 240 14.55 5.75 19.25
CA PRO A 240 14.08 7.13 19.00
C PRO A 240 13.58 7.34 17.56
N ASP A 241 14.13 6.63 16.55
CA ASP A 241 13.82 6.85 15.11
C ASP A 241 13.25 5.58 14.43
N GLY A 242 12.66 4.67 15.20
CA GLY A 242 11.99 3.50 14.58
C GLY A 242 11.37 2.56 15.59
N TYR A 243 10.42 1.73 15.17
CA TYR A 243 9.82 0.68 16.01
C TYR A 243 9.54 -0.52 15.12
N ALA A 244 9.50 -1.69 15.77
CA ALA A 244 9.02 -2.98 15.24
C ALA A 244 7.94 -3.50 16.18
N LEU A 245 6.82 -3.96 15.65
CA LEU A 245 5.80 -4.71 16.42
C LEU A 245 5.87 -6.15 15.97
N TYR A 246 5.94 -7.09 16.89
CA TYR A 246 6.11 -8.52 16.52
C TYR A 246 5.26 -9.33 17.51
N ARG A 247 4.96 -10.55 17.11
CA ARG A 247 4.28 -11.55 17.95
C ARG A 247 4.75 -12.93 17.51
N VAL A 248 4.81 -13.87 18.43
CA VAL A 248 5.07 -15.29 18.08
C VAL A 248 3.86 -15.81 17.33
N ASP A 249 4.10 -16.57 16.26
CA ASP A 249 3.03 -17.20 15.44
C ASP A 249 2.17 -18.12 16.31
N ARG A 250 0.87 -18.25 16.04
CA ARG A 250 -0.05 -18.93 16.98
C ARG A 250 0.27 -20.43 17.02
N THR A 251 0.72 -21.04 15.92
CA THR A 251 0.91 -22.52 15.77
C THR A 251 2.40 -22.89 15.71
N ASP A 252 3.21 -22.18 14.91
CA ASP A 252 4.68 -22.40 14.82
C ASP A 252 5.36 -21.54 15.90
N LEU A 253 5.73 -22.16 17.02
CA LEU A 253 6.19 -21.46 18.24
C LEU A 253 7.66 -21.03 18.11
N LYS A 254 8.35 -21.41 17.04
CA LYS A 254 9.76 -21.00 16.74
C LYS A 254 9.76 -19.91 15.65
N LEU A 255 8.60 -19.35 15.27
CA LEU A 255 8.52 -18.24 14.27
C LEU A 255 8.01 -16.96 14.93
N ALA A 256 8.76 -15.86 14.82
CA ALA A 256 8.26 -14.52 15.19
C ALA A 256 7.89 -13.79 13.91
N ARG A 257 6.67 -13.28 13.87
CA ARG A 257 6.19 -12.49 12.72
C ARG A 257 6.26 -10.99 13.10
N VAL A 258 6.96 -10.20 12.31
CA VAL A 258 6.98 -8.72 12.52
C VAL A 258 5.78 -8.16 11.77
N SER A 259 4.78 -7.62 12.44
CA SER A 259 3.56 -7.10 11.74
C SER A 259 3.89 -5.77 11.03
N GLU A 260 4.93 -5.07 11.47
CA GLU A 260 5.18 -3.66 11.09
C GLU A 260 6.52 -3.22 11.64
N LEU A 261 7.41 -2.76 10.78
CA LEU A 261 8.67 -2.15 11.20
C LEU A 261 8.76 -0.80 10.48
N ARG A 262 8.85 0.29 11.21
CA ARG A 262 8.90 1.63 10.60
C ARG A 262 10.18 2.30 11.07
N ALA A 263 11.14 2.54 10.19
CA ALA A 263 12.45 3.12 10.52
C ALA A 263 12.66 4.36 9.63
N VAL A 264 12.97 5.47 10.27
CA VAL A 264 13.16 6.78 9.63
C VAL A 264 14.64 6.93 9.24
N THR A 265 15.56 6.22 9.89
CA THR A 265 17.02 6.27 9.61
C THR A 265 17.51 4.84 9.38
N ALA A 266 18.62 4.69 8.68
CA ALA A 266 19.32 3.40 8.48
C ALA A 266 19.79 2.86 9.84
N ASP A 267 20.26 3.74 10.73
CA ASP A 267 20.71 3.30 12.08
C ASP A 267 19.52 2.67 12.80
N ALA A 268 18.33 3.25 12.73
CA ALA A 268 17.16 2.71 13.46
C ALA A 268 16.84 1.32 12.90
N HIS A 269 16.86 1.19 11.58
CA HIS A 269 16.57 -0.07 10.87
C HIS A 269 17.57 -1.14 11.31
N CYS A 270 18.86 -0.80 11.35
CA CYS A 270 19.90 -1.80 11.73
C CYS A 270 19.74 -2.14 13.22
N ALA A 271 19.52 -1.13 14.07
CA ALA A 271 19.42 -1.38 15.53
C ALA A 271 18.23 -2.30 15.81
N LEU A 272 17.11 -2.08 15.11
CA LEU A 272 15.90 -2.90 15.34
C LEU A 272 16.17 -4.35 14.89
N TRP A 273 16.89 -4.54 13.78
CA TRP A 273 17.15 -5.92 13.28
C TRP A 273 18.15 -6.64 14.20
N ARG A 274 19.12 -5.94 14.78
CA ARG A 274 20.01 -6.57 15.81
C ARG A 274 19.17 -7.10 16.98
N ALA A 275 18.18 -6.31 17.43
CA ALA A 275 17.30 -6.71 18.54
C ALA A 275 16.46 -7.91 18.09
N LEU A 276 15.93 -7.92 16.86
CA LEU A 276 15.04 -9.02 16.42
C LEU A 276 15.84 -10.32 16.32
N ILE A 277 17.06 -10.22 15.79
CA ILE A 277 17.96 -11.39 15.72
C ILE A 277 18.46 -11.81 17.12
N GLY A 278 18.38 -10.95 18.13
CA GLY A 278 18.52 -11.36 19.55
C GLY A 278 17.31 -12.12 20.11
N LEU A 279 16.27 -12.44 19.35
CA LEU A 279 15.18 -13.27 19.94
C LEU A 279 15.59 -14.76 19.94
N ASP A 280 16.41 -15.14 20.93
CA ASP A 280 17.14 -16.44 20.95
C ASP A 280 16.17 -17.62 21.08
N SER A 281 14.96 -17.45 21.59
CA SER A 281 13.88 -18.50 21.59
C SER A 281 13.45 -18.89 20.16
N MET A 282 13.64 -18.00 19.19
CA MET A 282 13.06 -18.23 17.83
C MET A 282 14.11 -18.88 16.94
N GLU A 283 13.64 -19.64 15.96
CA GLU A 283 14.42 -20.15 14.82
C GLU A 283 14.36 -19.14 13.67
N ARG A 284 13.19 -18.56 13.43
CA ARG A 284 12.91 -17.75 12.24
C ARG A 284 12.19 -16.47 12.67
N ILE A 285 12.56 -15.38 11.98
CA ILE A 285 11.88 -14.05 11.99
C ILE A 285 11.38 -13.82 10.57
N SER A 286 10.08 -13.54 10.41
CA SER A 286 9.50 -13.19 9.09
C SER A 286 8.94 -11.76 9.16
N ILE A 287 8.97 -11.09 8.01
CA ILE A 287 8.37 -9.73 7.86
C ILE A 287 7.85 -9.58 6.42
N ILE A 288 6.72 -8.91 6.26
CA ILE A 288 6.26 -8.47 4.92
C ILE A 288 6.83 -7.07 4.70
N THR A 289 7.80 -6.96 3.82
CA THR A 289 8.55 -5.70 3.56
C THR A 289 8.47 -5.42 2.06
N HIS A 290 9.42 -4.66 1.52
CA HIS A 290 9.50 -4.25 0.09
C HIS A 290 10.77 -4.83 -0.53
N PRO A 291 10.85 -4.92 -1.88
CA PRO A 291 11.99 -5.56 -2.56
C PRO A 291 13.35 -4.92 -2.28
N GLN A 292 13.39 -3.64 -1.90
CA GLN A 292 14.65 -2.91 -1.70
C GLN A 292 15.02 -2.87 -0.21
N ASP A 293 14.41 -3.70 0.64
CA ASP A 293 14.80 -3.79 2.08
C ASP A 293 16.28 -4.13 2.16
N PRO A 294 17.09 -3.30 2.86
CA PRO A 294 18.54 -3.53 2.94
C PRO A 294 18.97 -4.68 3.89
N LEU A 295 18.03 -5.24 4.62
CA LEU A 295 18.32 -6.29 5.62
C LEU A 295 19.32 -7.30 5.09
N PRO A 296 19.15 -7.92 3.91
CA PRO A 296 20.07 -8.96 3.50
C PRO A 296 21.53 -8.48 3.57
N HIS A 297 21.78 -7.20 3.26
CA HIS A 297 23.14 -6.60 3.08
C HIS A 297 23.79 -6.34 4.45
N LEU A 298 22.97 -6.37 5.50
CA LEU A 298 23.42 -6.23 6.91
C LEU A 298 24.09 -7.52 7.39
N LEU A 299 23.87 -8.65 6.74
CA LEU A 299 24.41 -9.95 7.23
C LEU A 299 25.64 -10.36 6.42
N THR A 300 26.50 -11.19 7.00
CA THR A 300 27.66 -11.79 6.30
C THR A 300 27.14 -12.78 5.25
N ASP A 301 25.95 -13.40 5.47
CA ASP A 301 25.34 -14.31 4.46
C ASP A 301 23.99 -13.71 3.98
N THR A 302 23.98 -13.04 2.84
CA THR A 302 22.79 -12.33 2.31
C THR A 302 21.67 -13.33 2.08
N ARG A 303 22.05 -14.58 1.86
CA ARG A 303 21.10 -15.64 1.48
C ARG A 303 20.23 -16.04 2.68
N LEU A 304 20.68 -15.80 3.91
CA LEU A 304 19.87 -16.08 5.12
C LEU A 304 18.57 -15.30 5.11
N ALA A 305 18.48 -14.16 4.43
CA ALA A 305 17.22 -13.38 4.35
C ALA A 305 16.43 -13.88 3.13
N ARG A 306 15.66 -14.95 3.30
CA ARG A 306 15.08 -15.71 2.16
C ARG A 306 13.75 -15.02 1.78
N THR A 307 13.54 -14.87 0.49
CA THR A 307 12.25 -14.39 -0.07
C THR A 307 11.31 -15.58 -0.10
N THR A 308 10.31 -15.58 0.80
CA THR A 308 9.38 -16.70 0.97
C THR A 308 8.03 -16.42 0.33
N TRP A 309 7.77 -15.23 -0.24
CA TRP A 309 6.43 -14.82 -0.75
C TRP A 309 6.52 -13.44 -1.39
N ARG A 310 5.81 -13.22 -2.49
CA ARG A 310 5.85 -11.96 -3.25
C ARG A 310 4.46 -11.77 -3.79
N GLN A 311 3.90 -10.58 -3.61
CA GLN A 311 2.52 -10.32 -4.11
C GLN A 311 2.35 -8.81 -4.34
N ASP A 312 1.48 -8.46 -5.28
CA ASP A 312 0.97 -7.06 -5.39
C ASP A 312 0.50 -6.57 -4.01
N GLY A 313 0.78 -5.33 -3.68
CA GLY A 313 0.22 -4.71 -2.47
C GLY A 313 -0.88 -3.71 -2.82
N LEU A 314 -0.53 -2.44 -2.81
CA LEU A 314 -1.52 -1.37 -3.10
C LEU A 314 -1.74 -1.29 -4.61
N TRP A 315 -2.99 -1.16 -5.05
CA TRP A 315 -3.37 -0.91 -6.46
C TRP A 315 -3.83 0.56 -6.61
N LEU A 316 -3.45 1.23 -7.71
CA LEU A 316 -3.86 2.63 -7.98
C LEU A 316 -4.70 2.75 -9.25
N ARG A 317 -5.74 3.57 -9.17
CA ARG A 317 -6.43 4.05 -10.39
C ARG A 317 -6.18 5.56 -10.48
N ILE A 318 -5.50 5.99 -11.53
CA ILE A 318 -5.36 7.45 -11.80
C ILE A 318 -6.69 7.96 -12.34
N MET A 319 -7.37 8.80 -11.54
CA MET A 319 -8.70 9.36 -11.85
C MET A 319 -8.51 10.58 -12.79
N ASN A 320 -7.51 11.42 -12.55
CA ASN A 320 -7.20 12.64 -13.35
C ASN A 320 -5.73 12.59 -13.79
N VAL A 321 -5.49 12.23 -15.05
CA VAL A 321 -4.13 11.94 -15.57
C VAL A 321 -3.26 13.18 -15.37
N PRO A 322 -3.68 14.37 -15.85
CA PRO A 322 -2.84 15.54 -15.74
C PRO A 322 -2.62 15.97 -14.28
N ALA A 323 -3.64 15.97 -13.43
CA ALA A 323 -3.43 16.33 -12.00
C ALA A 323 -2.42 15.34 -11.37
N ALA A 324 -2.54 14.03 -11.66
CA ALA A 324 -1.63 13.04 -11.01
C ALA A 324 -0.20 13.23 -11.54
N LEU A 325 -0.03 13.35 -12.85
CA LEU A 325 1.32 13.43 -13.46
C LEU A 325 2.02 14.71 -13.00
N GLU A 326 1.28 15.82 -12.84
CA GLU A 326 1.93 17.09 -12.42
C GLU A 326 2.21 17.08 -10.91
N ALA A 327 1.39 16.37 -10.13
CA ALA A 327 1.53 16.34 -8.65
C ALA A 327 2.83 15.69 -8.17
N ARG A 328 3.22 14.55 -8.73
CA ARG A 328 4.44 13.85 -8.23
C ARG A 328 5.73 14.47 -8.76
N GLY A 329 6.82 14.23 -8.04
CA GLY A 329 8.18 14.67 -8.43
C GLY A 329 8.82 13.63 -9.33
N TYR A 330 9.82 14.03 -10.13
CA TYR A 330 10.49 13.07 -11.05
C TYR A 330 12.01 13.09 -10.80
N ALA A 331 12.72 12.08 -11.32
CA ALA A 331 14.19 11.99 -11.10
C ALA A 331 14.86 13.21 -11.74
N HIS A 332 15.75 13.91 -11.02
CA HIS A 332 16.53 15.07 -11.55
C HIS A 332 17.63 14.63 -12.53
N GLU A 333 17.98 13.34 -12.54
CA GLU A 333 19.16 12.80 -13.28
C GLU A 333 18.87 12.70 -14.79
N VAL A 334 17.61 12.75 -15.22
CA VAL A 334 17.23 12.70 -16.66
C VAL A 334 17.08 14.15 -17.16
N GLY A 335 17.61 14.45 -18.32
CA GLY A 335 17.50 15.80 -18.88
C GLY A 335 16.07 16.06 -19.33
N GLU A 336 15.71 17.32 -19.48
CA GLU A 336 14.44 17.74 -20.07
C GLU A 336 14.13 16.93 -21.33
N PHE A 337 12.89 16.43 -21.41
CA PHE A 337 12.33 15.78 -22.62
C PHE A 337 10.81 16.07 -22.65
N SER A 338 10.26 15.97 -23.86
CA SER A 338 8.84 16.18 -24.22
C SER A 338 8.36 14.96 -24.99
N THR A 339 7.15 14.52 -24.73
CA THR A 339 6.50 13.46 -25.52
C THR A 339 4.99 13.71 -25.52
N VAL A 340 4.25 12.81 -26.15
CA VAL A 340 2.77 12.78 -26.19
C VAL A 340 2.37 11.39 -25.72
N LEU A 341 1.63 11.38 -24.61
CA LEU A 341 1.08 10.19 -23.95
C LEU A 341 -0.42 10.15 -24.17
N GLU A 342 -0.90 9.03 -24.68
CA GLU A 342 -2.33 8.68 -24.74
C GLU A 342 -2.60 7.57 -23.72
N VAL A 343 -3.53 7.82 -22.81
CA VAL A 343 -4.17 6.79 -21.96
C VAL A 343 -5.43 6.33 -22.68
N SER A 344 -5.60 5.03 -22.87
CA SER A 344 -6.65 4.40 -23.71
C SER A 344 -8.02 5.05 -23.51
N ASP A 345 -8.49 5.33 -22.31
CA ASP A 345 -9.77 6.12 -22.33
C ASP A 345 -9.68 7.31 -21.38
N GLY A 346 -8.55 8.03 -21.43
CA GLY A 346 -8.17 8.98 -20.38
C GLY A 346 -7.59 10.24 -20.96
N GLY A 347 -7.64 10.36 -22.31
CA GLY A 347 -7.19 11.52 -23.09
C GLY A 347 -5.76 11.40 -23.61
N ARG A 348 -5.35 12.40 -24.39
CA ARG A 348 -3.99 12.54 -24.97
C ARG A 348 -3.37 13.84 -24.45
N PHE A 349 -2.11 13.79 -24.03
CA PHE A 349 -1.40 14.90 -23.35
C PHE A 349 0.02 15.07 -23.88
N ALA A 350 0.36 16.33 -24.07
CA ALA A 350 1.76 16.77 -24.20
C ALA A 350 2.36 16.72 -22.79
N LEU A 351 3.40 15.90 -22.66
CA LEU A 351 4.06 15.66 -21.36
C LEU A 351 5.50 16.16 -21.51
N LYS A 352 5.85 17.15 -20.70
CA LYS A 352 7.21 17.70 -20.62
C LYS A 352 7.69 17.49 -19.19
N ILE A 353 8.83 16.81 -19.05
CA ILE A 353 9.48 16.46 -17.75
C ILE A 353 10.86 17.09 -17.75
N GLY A 354 11.10 17.96 -16.79
CA GLY A 354 12.44 18.55 -16.60
C GLY A 354 12.59 19.08 -15.20
N ASP A 355 13.82 19.07 -14.68
CA ASP A 355 14.16 19.57 -13.32
C ASP A 355 13.26 18.92 -12.27
N GLY A 356 12.94 17.63 -12.43
CA GLY A 356 12.15 16.89 -11.43
C GLY A 356 10.66 17.19 -11.48
N ARG A 357 10.15 17.96 -12.47
CA ARG A 357 8.73 18.43 -12.53
C ARG A 357 8.15 18.07 -13.91
N ALA A 358 6.86 17.77 -13.96
CA ALA A 358 6.11 17.51 -15.21
C ALA A 358 5.05 18.60 -15.43
N ARG A 359 4.88 18.96 -16.70
CA ARG A 359 3.70 19.70 -17.23
C ARG A 359 3.00 18.78 -18.23
N CYS A 360 1.68 18.69 -18.15
CA CYS A 360 0.87 17.66 -18.84
C CYS A 360 -0.39 18.35 -19.31
N THR A 361 -0.46 18.72 -20.60
CA THR A 361 -1.49 19.61 -21.19
C THR A 361 -2.22 18.91 -22.34
N PRO A 362 -3.50 19.23 -22.60
CA PRO A 362 -4.25 18.61 -23.70
C PRO A 362 -3.55 18.81 -25.04
N THR A 363 -3.62 17.81 -25.92
CA THR A 363 -3.13 17.90 -27.33
C THR A 363 -3.92 16.93 -28.22
N ASP A 364 -4.00 17.21 -29.51
CA ASP A 364 -4.48 16.25 -30.55
C ASP A 364 -3.27 15.84 -31.41
N ALA A 365 -2.05 16.28 -31.08
CA ALA A 365 -0.82 15.81 -31.80
C ALA A 365 -0.70 14.27 -31.71
N ALA A 366 -0.05 13.63 -32.68
CA ALA A 366 0.12 12.16 -32.75
C ALA A 366 0.78 11.66 -31.43
N ALA A 367 0.23 10.58 -30.88
CA ALA A 367 0.72 9.89 -29.68
C ALA A 367 2.09 9.27 -29.98
N GLU A 368 3.05 9.44 -29.08
CA GLU A 368 4.34 8.69 -29.11
C GLU A 368 4.31 7.49 -28.12
N ILE A 369 3.47 7.52 -27.10
CA ILE A 369 3.34 6.43 -26.08
C ILE A 369 1.84 6.18 -25.89
N GLU A 370 1.42 4.92 -25.91
CA GLU A 370 0.05 4.54 -25.57
C GLU A 370 0.09 3.48 -24.46
N MET A 371 -0.90 3.50 -23.57
CA MET A 371 -1.11 2.49 -22.50
C MET A 371 -2.52 2.61 -21.92
N ASP A 372 -3.08 1.52 -21.40
CA ASP A 372 -4.34 1.53 -20.62
C ASP A 372 -4.08 2.27 -19.30
N ARG A 373 -5.14 2.74 -18.65
CA ARG A 373 -5.09 3.53 -17.38
C ARG A 373 -4.37 2.71 -16.27
N ASP A 374 -4.63 1.42 -16.14
CA ASP A 374 -4.05 0.52 -15.09
C ASP A 374 -2.53 0.58 -15.16
N VAL A 375 -1.98 0.67 -16.35
CA VAL A 375 -0.52 0.63 -16.60
C VAL A 375 0.08 1.89 -16.01
N LEU A 376 -0.58 3.02 -16.22
CA LEU A 376 -0.12 4.30 -15.61
C LEU A 376 -0.10 4.16 -14.09
N GLY A 377 -1.12 3.57 -13.48
CA GLY A 377 -1.12 3.32 -12.02
C GLY A 377 0.09 2.49 -11.61
N SER A 378 0.42 1.44 -12.34
CA SER A 378 1.59 0.57 -12.05
C SER A 378 2.92 1.33 -12.19
N LEU A 379 3.02 2.33 -13.09
CA LEU A 379 4.27 3.15 -13.21
C LEU A 379 4.33 4.20 -12.09
N TYR A 380 3.19 4.64 -11.54
CA TYR A 380 3.08 5.97 -10.90
C TYR A 380 3.99 6.10 -9.67
N LEU A 381 4.14 5.07 -8.85
CA LEU A 381 4.96 5.13 -7.63
C LEU A 381 6.37 4.52 -7.87
N GLY A 382 6.75 4.14 -9.09
CA GLY A 382 8.10 3.59 -9.35
C GLY A 382 8.28 2.10 -9.09
N ALA A 383 7.25 1.31 -8.79
CA ALA A 383 7.40 -0.14 -8.52
C ALA A 383 7.66 -0.98 -9.79
N HIS A 384 7.22 -0.51 -10.94
CA HIS A 384 7.32 -1.23 -12.24
C HIS A 384 8.00 -0.30 -13.25
N ARG A 385 8.97 -0.82 -14.00
CA ARG A 385 9.69 -0.10 -15.09
C ARG A 385 8.82 -0.07 -16.34
N ALA A 386 8.82 1.07 -17.05
CA ALA A 386 8.16 1.23 -18.34
C ALA A 386 8.69 0.16 -19.32
N SER A 387 10.00 -0.10 -19.30
CA SER A 387 10.68 -1.09 -20.20
C SER A 387 10.07 -2.49 -20.01
N THR A 388 9.80 -2.87 -18.77
CA THR A 388 9.22 -4.19 -18.41
C THR A 388 7.80 -4.27 -18.97
N LEU A 389 7.00 -3.23 -18.76
CA LEU A 389 5.61 -3.18 -19.28
C LEU A 389 5.61 -3.15 -20.82
N ALA A 390 6.55 -2.41 -21.42
CA ALA A 390 6.70 -2.34 -22.90
C ALA A 390 7.02 -3.73 -23.46
N ALA A 391 7.85 -4.50 -22.79
CA ALA A 391 8.24 -5.85 -23.28
C ALA A 391 7.01 -6.76 -23.26
N ALA A 392 5.98 -6.42 -22.47
CA ALA A 392 4.74 -7.23 -22.44
C ALA A 392 3.71 -6.64 -23.40
N ASN A 393 4.10 -5.57 -24.10
CA ASN A 393 3.22 -4.78 -25.00
C ASN A 393 2.06 -4.12 -24.22
N ARG A 394 2.20 -3.89 -22.91
CA ARG A 394 1.17 -3.16 -22.12
C ARG A 394 1.37 -1.64 -22.31
N LEU A 395 2.57 -1.27 -22.70
CA LEU A 395 3.07 0.08 -23.02
C LEU A 395 3.63 -0.01 -24.45
N ARG A 396 3.27 0.92 -25.33
CA ARG A 396 3.59 0.87 -26.79
C ARG A 396 4.23 2.19 -27.16
N THR A 397 5.43 2.08 -27.68
CA THR A 397 6.16 3.19 -28.34
C THR A 397 7.10 2.59 -29.40
N LYS A 398 7.51 3.38 -30.38
CA LYS A 398 8.43 2.96 -31.47
C LYS A 398 9.81 3.55 -31.17
N ASP A 399 9.94 4.31 -30.08
CA ASP A 399 11.17 5.02 -29.67
C ASP A 399 11.78 4.42 -28.38
N SER A 400 12.91 3.70 -28.47
CA SER A 400 13.52 2.99 -27.31
C SER A 400 14.27 3.99 -26.40
N GLN A 401 14.71 5.10 -26.97
CA GLN A 401 15.26 6.22 -26.19
C GLN A 401 14.19 6.84 -25.27
N LEU A 402 12.96 7.03 -25.76
CA LEU A 402 11.85 7.56 -24.93
C LEU A 402 11.55 6.60 -23.78
N LEU A 403 11.55 5.29 -24.04
CA LEU A 403 11.41 4.25 -22.98
C LEU A 403 12.45 4.47 -21.87
N ARG A 404 13.72 4.55 -22.26
CA ARG A 404 14.81 4.71 -21.24
C ARG A 404 14.53 5.98 -20.44
N ARG A 405 14.07 7.03 -21.09
CA ARG A 405 13.84 8.34 -20.40
C ARG A 405 12.65 8.22 -19.44
N LEU A 406 11.60 7.52 -19.86
CA LEU A 406 10.41 7.31 -19.00
C LEU A 406 10.81 6.49 -17.79
N ASP A 407 11.52 5.37 -18.02
CA ASP A 407 12.01 4.51 -16.91
C ASP A 407 12.74 5.38 -15.90
N ALA A 408 13.66 6.21 -16.38
CA ALA A 408 14.56 6.96 -15.47
C ALA A 408 13.74 8.01 -14.72
N ALA A 409 12.79 8.64 -15.42
CA ALA A 409 12.05 9.81 -14.88
C ALA A 409 11.03 9.33 -13.82
N PHE A 410 10.32 8.22 -14.08
CA PHE A 410 9.29 7.67 -13.15
C PHE A 410 9.94 6.89 -11.98
N ALA A 411 11.21 6.50 -12.05
CA ALA A 411 11.87 5.83 -10.91
C ALA A 411 11.74 6.72 -9.69
N SER A 412 11.63 6.11 -8.52
CA SER A 412 11.58 6.78 -7.20
C SER A 412 12.94 6.61 -6.51
N ASP A 413 13.51 7.74 -6.15
CA ASP A 413 14.75 7.80 -5.33
C ASP A 413 14.51 6.98 -4.05
N VAL A 414 13.46 7.29 -3.27
CA VAL A 414 13.09 6.55 -2.02
C VAL A 414 12.25 5.36 -2.47
N PRO A 415 12.70 4.12 -2.19
CA PRO A 415 11.93 2.94 -2.60
C PRO A 415 10.47 2.95 -2.07
N VAL A 416 9.53 2.58 -2.91
CA VAL A 416 8.08 2.43 -2.61
C VAL A 416 7.89 1.36 -1.54
N GLN A 417 7.11 1.68 -0.52
CA GLN A 417 6.72 0.72 0.54
C GLN A 417 5.18 0.68 0.63
N THR A 418 4.64 -0.34 1.28
CA THR A 418 3.19 -0.50 1.49
C THR A 418 2.90 -0.13 2.94
N ALA A 419 1.94 0.75 3.19
CA ALA A 419 1.69 1.28 4.55
C ALA A 419 0.89 0.26 5.40
N PHE A 420 -0.36 0.02 5.09
CA PHE A 420 -1.27 -0.85 5.87
C PHE A 420 -2.43 -1.13 4.93
N GLU A 421 -2.96 -2.35 5.01
CA GLU A 421 -4.11 -2.82 4.21
C GLU A 421 -5.38 -2.11 4.69
N PHE A 422 -6.34 -2.00 3.77
CA PHE A 422 -7.71 -1.45 3.99
C PHE A 422 -8.61 -2.13 2.97
C1 PVF B . -15.74 -0.31 6.69
C2 PVF B . -14.80 0.45 6.03
C3 PVF B . -13.51 -0.06 5.86
C4 PVF B . -15.40 -1.54 7.21
C5 PVF B . -14.10 -2.03 7.05
C6 PVF B . -13.14 -1.29 6.38
C7 PVF B . -11.71 -1.77 6.23
C8 PVF B . -10.33 -3.75 6.54
C9 PVF B . -10.08 -5.05 6.13
C10 PVF B . -8.86 -5.67 6.37
C18 PVF B . -7.86 -4.96 7.04
C19 PVF B . -8.11 -3.68 7.48
C20 PVF B . -9.34 -3.07 7.24
CL1 PVF B . -17.34 0.31 6.93
O1 PVF B . -11.56 -3.19 6.32
C11 PVF B . -8.62 -7.09 5.91
N1 PVF B . -8.58 -7.24 4.45
C1 GOL C . 3.75 4.62 -31.74
O1 GOL C . 4.56 5.72 -31.35
C2 GOL C . 2.98 4.04 -30.57
O2 GOL C . 1.95 4.96 -30.18
C3 GOL C . 2.38 2.69 -30.85
O3 GOL C . 3.38 1.75 -31.21
#